data_3ONL
#
_entry.id   3ONL
#
_cell.length_a   58.683
_cell.length_b   82.351
_cell.length_c   95.953
_cell.angle_alpha   90.000
_cell.angle_beta   90.000
_cell.angle_gamma   90.000
#
_symmetry.space_group_name_H-M   'P 21 21 21'
#
loop_
_entity.id
_entity.type
_entity.pdbx_description
1 polymer Epsin-3
2 polymer 't-SNARE VTI1'
3 water water
#
loop_
_entity_poly.entity_id
_entity_poly.type
_entity_poly.pdbx_seq_one_letter_code
_entity_poly.pdbx_strand_id
1 'polypeptide(L)'
;SLMSVDPNYTEMEGKVREATNNEPWGASSTLMDQISQGTYNFREREEILSMIFRRFTEKAGSEWRQIYKALQLLDYLIKH
GSERFIDDTRNSINLIRILETFHYIDSQGRDQGINVRTRVKALIELLSDDNKIRAERKKARETAKKYKGV
;
A,B
2 'polypeptide(L)'
;SLLISYESDFKTTLEQAKASLAEAPSQPLSQRNTTLKHVEQQQDELFDLLDQMDVEVNNSIGDASERATYKAKLREWKKT
IQSDIKRPLQSLVDSGD
;
C
#
# COMPACT_ATOMS: atom_id res chain seq x y z
N SER A 4 6.25 9.99 -34.82
CA SER A 4 6.68 9.09 -33.77
C SER A 4 6.42 9.59 -32.34
N VAL A 5 5.19 9.59 -31.89
CA VAL A 5 4.84 10.12 -30.58
C VAL A 5 5.54 9.47 -29.41
N ASP A 6 5.54 10.21 -28.32
CA ASP A 6 5.89 9.75 -26.99
C ASP A 6 4.90 8.74 -26.46
N PRO A 7 5.35 7.83 -25.62
CA PRO A 7 4.37 6.88 -25.06
C PRO A 7 3.40 7.56 -24.10
N ASN A 8 3.76 8.75 -23.62
CA ASN A 8 2.84 9.55 -22.79
C ASN A 8 2.21 8.80 -21.62
N TYR A 9 3.01 8.11 -20.82
CA TYR A 9 2.48 7.39 -19.66
C TYR A 9 1.76 8.35 -18.73
N THR A 10 0.55 7.97 -18.32
CA THR A 10 -0.19 8.72 -17.31
C THR A 10 0.50 8.54 -15.96
N GLU A 11 0.03 9.27 -14.96
CA GLU A 11 0.54 9.19 -13.59
C GLU A 11 0.30 7.79 -13.04
N MET A 12 -0.90 7.26 -13.23
CA MET A 12 -1.22 5.91 -12.81
C MET A 12 -0.39 4.84 -13.52
N GLU A 13 -0.21 5.00 -14.83
CA GLU A 13 0.65 4.10 -15.60
C GLU A 13 2.09 4.16 -15.09
N GLY A 14 2.57 5.36 -14.78
CA GLY A 14 3.89 5.52 -14.19
C GLY A 14 4.00 4.85 -12.82
N LYS A 15 2.94 4.92 -12.02
CA LYS A 15 2.89 4.23 -10.72
C LYS A 15 3.09 2.72 -10.88
N VAL A 16 2.40 2.12 -11.85
CA VAL A 16 2.53 0.68 -12.09
C VAL A 16 3.90 0.29 -12.64
N ARG A 17 4.49 1.14 -13.50
CA ARG A 17 5.82 0.86 -14.05
C ARG A 17 6.80 0.84 -12.89
N GLU A 18 6.68 1.85 -12.02
CA GLU A 18 7.50 1.95 -10.80
C GLU A 18 7.32 0.72 -9.90
N ALA A 19 6.08 0.33 -9.67
CA ALA A 19 5.79 -0.80 -8.78
C ALA A 19 6.31 -2.11 -9.36
N THR A 20 6.67 -2.12 -10.64
CA THR A 20 7.14 -3.34 -11.27
C THR A 20 8.48 -3.18 -11.99
N ASN A 21 9.29 -2.21 -11.55
CA ASN A 21 10.64 -2.00 -12.10
C ASN A 21 11.61 -3.13 -11.68
N ASN A 22 12.84 -3.10 -12.20
CA ASN A 22 13.78 -4.20 -11.97
C ASN A 22 14.59 -4.13 -10.66
N GLU A 23 14.28 -3.17 -9.78
CA GLU A 23 14.98 -3.08 -8.49
C GLU A 23 14.58 -4.26 -7.58
N PRO A 24 15.49 -4.68 -6.67
CA PRO A 24 15.25 -5.91 -5.91
C PRO A 24 14.51 -5.78 -4.58
N TRP A 25 14.01 -4.60 -4.25
CA TRP A 25 13.50 -4.36 -2.89
C TRP A 25 11.98 -4.38 -2.73
N GLY A 26 11.25 -4.31 -3.84
CA GLY A 26 9.79 -4.36 -3.81
C GLY A 26 9.11 -3.01 -3.71
N ALA A 27 7.91 -2.92 -4.28
CA ALA A 27 7.11 -1.68 -4.20
C ALA A 27 6.71 -1.40 -2.77
N SER A 28 6.69 -0.13 -2.39
CA SER A 28 6.29 0.24 -1.03
C SER A 28 4.80 0.01 -0.80
N SER A 29 4.44 -0.11 0.47
CA SER A 29 3.06 -0.22 0.92
C SER A 29 2.16 0.89 0.40
N THR A 30 2.66 2.13 0.47
CA THR A 30 1.88 3.29 0.09
C THR A 30 1.68 3.39 -1.42
N LEU A 31 2.69 2.99 -2.21
CA LEU A 31 2.56 2.95 -3.67
C LEU A 31 1.47 1.96 -4.08
N MET A 32 1.58 0.74 -3.57
CA MET A 32 0.54 -0.28 -3.79
C MET A 32 -0.86 0.20 -3.40
N ASP A 33 -0.98 0.82 -2.23
CA ASP A 33 -2.26 1.35 -1.77
C ASP A 33 -2.84 2.36 -2.78
N GLN A 34 -1.98 3.25 -3.26
CA GLN A 34 -2.34 4.25 -4.24
C GLN A 34 -2.84 3.64 -5.54
N ILE A 35 -2.20 2.57 -5.99
CA ILE A 35 -2.63 1.86 -7.19
C ILE A 35 -4.00 1.23 -6.97
N SER A 36 -4.22 0.64 -5.78
CA SER A 36 -5.49 0.02 -5.44
C SER A 36 -6.66 1.00 -5.51
N GLN A 37 -6.40 2.25 -5.15
CA GLN A 37 -7.40 3.31 -5.25
C GLN A 37 -7.77 3.55 -6.70
N GLY A 38 -6.80 3.42 -7.59
CA GLY A 38 -7.05 3.63 -9.02
C GLY A 38 -8.04 2.65 -9.61
N THR A 39 -8.18 1.47 -8.98
CA THR A 39 -9.09 0.46 -9.50
C THR A 39 -10.58 0.82 -9.35
N TYR A 40 -10.87 1.94 -8.66
CA TYR A 40 -12.26 2.38 -8.44
C TYR A 40 -12.82 3.38 -9.46
N ASN A 41 -12.07 3.62 -10.54
CA ASN A 41 -12.59 4.32 -11.73
C ASN A 41 -12.12 3.65 -13.00
N PHE A 42 -12.98 3.70 -14.02
CA PHE A 42 -12.79 2.98 -15.27
C PHE A 42 -11.42 3.20 -15.93
N ARG A 43 -11.05 4.46 -16.17
CA ARG A 43 -9.80 4.77 -16.87
C ARG A 43 -8.57 4.25 -16.14
N GLU A 44 -8.39 4.66 -14.90
CA GLU A 44 -7.22 4.24 -14.14
C GLU A 44 -7.13 2.74 -14.02
N ARG A 45 -8.28 2.07 -13.82
CA ARG A 45 -8.28 0.62 -13.71
C ARG A 45 -7.89 -0.06 -15.01
N GLU A 46 -8.34 0.48 -16.15
CA GLU A 46 -7.99 -0.12 -17.44
C GLU A 46 -6.47 0.02 -17.63
N GLU A 47 -5.94 1.21 -17.32
CA GLU A 47 -4.50 1.46 -17.40
C GLU A 47 -3.68 0.56 -16.48
N ILE A 48 -4.19 0.31 -15.27
CA ILE A 48 -3.49 -0.55 -14.32
C ILE A 48 -3.43 -1.99 -14.84
N LEU A 49 -4.56 -2.51 -15.33
CA LEU A 49 -4.62 -3.86 -15.90
C LEU A 49 -3.67 -4.05 -17.09
N SER A 50 -3.66 -3.08 -18.00
CA SER A 50 -2.81 -3.18 -19.19
C SER A 50 -1.33 -3.16 -18.85
N MET A 51 -0.91 -2.22 -18.00
CA MET A 51 0.51 -2.13 -17.64
C MET A 51 0.96 -3.44 -16.97
N ILE A 52 0.17 -3.95 -16.03
CA ILE A 52 0.50 -5.21 -15.34
C ILE A 52 0.70 -6.34 -16.35
N PHE A 53 -0.30 -6.53 -17.23
CA PHE A 53 -0.28 -7.64 -18.18
C PHE A 53 0.75 -7.45 -19.31
N ARG A 54 1.12 -6.21 -19.60
CA ARG A 54 2.25 -5.93 -20.50
C ARG A 54 3.56 -6.54 -19.97
N ARG A 55 3.78 -6.46 -18.66
CA ARG A 55 5.00 -7.00 -18.04
C ARG A 55 5.10 -8.53 -18.21
N PHE A 56 3.96 -9.20 -18.07
CA PHE A 56 3.87 -10.66 -18.26
C PHE A 56 4.33 -11.10 -19.64
N THR A 57 4.06 -10.27 -20.64
CA THR A 57 4.37 -10.62 -22.02
C THR A 57 5.67 -9.99 -22.56
N GLU A 58 6.08 -8.86 -21.99
CA GLU A 58 7.22 -8.11 -22.52
C GLU A 58 8.54 -8.43 -21.83
N LYS A 59 8.46 -9.05 -20.66
CA LYS A 59 9.66 -9.34 -19.88
C LYS A 59 9.86 -10.85 -19.72
N ALA A 60 11.12 -11.24 -19.61
CA ALA A 60 11.50 -12.65 -19.51
C ALA A 60 12.94 -12.76 -18.99
N GLY A 61 13.37 -13.99 -18.69
CA GLY A 61 14.75 -14.26 -18.31
C GLY A 61 15.22 -13.48 -17.10
N SER A 62 16.31 -12.73 -17.28
CA SER A 62 16.95 -11.99 -16.18
C SER A 62 16.13 -10.80 -15.67
N GLU A 63 15.00 -10.52 -16.32
CA GLU A 63 14.13 -9.43 -15.92
C GLU A 63 12.94 -10.02 -15.15
N TRP A 64 13.13 -11.25 -14.65
CA TRP A 64 12.07 -12.01 -13.97
C TRP A 64 11.45 -11.28 -12.79
N ARG A 65 12.27 -10.49 -12.10
CA ARG A 65 11.80 -9.82 -10.89
C ARG A 65 10.68 -8.84 -11.21
N GLN A 66 10.66 -8.34 -12.44
CA GLN A 66 9.58 -7.46 -12.88
C GLN A 66 8.27 -8.23 -12.96
N ILE A 67 8.32 -9.48 -13.41
CA ILE A 67 7.15 -10.34 -13.46
C ILE A 67 6.70 -10.67 -12.04
N TYR A 68 7.66 -11.11 -11.23
CA TYR A 68 7.44 -11.36 -9.80
C TYR A 68 6.75 -10.18 -9.12
N LYS A 69 7.24 -8.97 -9.38
CA LYS A 69 6.64 -7.78 -8.77
C LYS A 69 5.24 -7.50 -9.32
N ALA A 70 5.03 -7.75 -10.60
CA ALA A 70 3.69 -7.59 -11.20
C ALA A 70 2.69 -8.56 -10.58
N LEU A 71 3.16 -9.75 -10.23
CA LEU A 71 2.33 -10.74 -9.55
C LEU A 71 2.03 -10.32 -8.11
N GLN A 72 3.01 -9.73 -7.44
CA GLN A 72 2.81 -9.17 -6.10
C GLN A 72 1.76 -8.07 -6.11
N LEU A 73 1.88 -7.15 -7.08
CA LEU A 73 0.93 -6.06 -7.23
C LEU A 73 -0.47 -6.62 -7.40
N LEU A 74 -0.59 -7.61 -8.28
CA LEU A 74 -1.88 -8.19 -8.64
C LEU A 74 -2.55 -8.79 -7.42
N ASP A 75 -1.79 -9.59 -6.67
CA ASP A 75 -2.28 -10.18 -5.43
C ASP A 75 -2.77 -9.11 -4.46
N TYR A 76 -1.98 -8.06 -4.26
CA TYR A 76 -2.37 -6.94 -3.40
C TYR A 76 -3.68 -6.33 -3.85
N LEU A 77 -3.86 -6.20 -5.16
CA LEU A 77 -5.07 -5.58 -5.69
C LEU A 77 -6.31 -6.47 -5.53
N ILE A 78 -6.12 -7.78 -5.55
CA ILE A 78 -7.22 -8.69 -5.25
C ILE A 78 -7.71 -8.43 -3.83
N LYS A 79 -6.77 -8.15 -2.93
CA LYS A 79 -7.09 -7.95 -1.52
C LYS A 79 -7.52 -6.53 -1.15
N HIS A 80 -7.16 -5.54 -1.98
CA HIS A 80 -7.41 -4.14 -1.64
C HIS A 80 -8.12 -3.33 -2.73
N GLY A 81 -8.27 -3.89 -3.94
CA GLY A 81 -8.88 -3.16 -5.06
C GLY A 81 -10.37 -3.42 -5.22
N SER A 82 -10.97 -2.82 -6.25
CA SER A 82 -12.40 -2.99 -6.50
C SER A 82 -12.79 -4.42 -6.91
N GLU A 83 -14.01 -4.82 -6.56
CA GLU A 83 -14.59 -6.06 -7.06
C GLU A 83 -14.54 -6.15 -8.59
N ARG A 84 -14.84 -5.05 -9.27
CA ARG A 84 -14.73 -4.98 -10.74
C ARG A 84 -13.33 -5.39 -11.21
N PHE A 85 -12.30 -4.82 -10.60
CA PHE A 85 -10.93 -5.18 -10.95
C PHE A 85 -10.65 -6.68 -10.85
N ILE A 86 -11.21 -7.31 -9.82
CA ILE A 86 -11.03 -8.74 -9.58
C ILE A 86 -11.67 -9.58 -10.70
N ASP A 87 -12.84 -9.14 -11.15
CA ASP A 87 -13.55 -9.77 -12.27
C ASP A 87 -12.79 -9.58 -13.58
N ASP A 88 -12.24 -8.39 -13.79
CA ASP A 88 -11.43 -8.12 -14.98
C ASP A 88 -10.22 -9.05 -14.98
N THR A 89 -9.63 -9.26 -13.81
CA THR A 89 -8.43 -10.09 -13.68
C THR A 89 -8.77 -11.56 -13.96
N ARG A 90 -9.93 -12.01 -13.50
CA ARG A 90 -10.41 -13.36 -13.79
C ARG A 90 -10.56 -13.60 -15.29
N ASN A 91 -11.19 -12.64 -15.97
CA ASN A 91 -11.41 -12.74 -17.42
C ASN A 91 -10.12 -12.98 -18.18
N SER A 92 -9.00 -12.60 -17.54
CA SER A 92 -7.67 -12.73 -18.14
C SER A 92 -6.79 -13.75 -17.44
N ILE A 93 -7.40 -14.68 -16.69
CA ILE A 93 -6.66 -15.77 -16.03
C ILE A 93 -5.68 -16.47 -16.95
N ASN A 94 -6.09 -16.67 -18.20
CA ASN A 94 -5.26 -17.26 -19.25
C ASN A 94 -3.87 -16.63 -19.35
N LEU A 95 -3.83 -15.30 -19.33
CA LEU A 95 -2.57 -14.54 -19.42
C LEU A 95 -1.69 -14.75 -18.18
N ILE A 96 -2.32 -15.02 -17.05
CA ILE A 96 -1.59 -15.38 -15.83
C ILE A 96 -1.10 -16.84 -15.92
N ARG A 97 -1.97 -17.74 -16.37
CA ARG A 97 -1.69 -19.17 -16.43
C ARG A 97 -0.49 -19.53 -17.31
N ILE A 98 -0.24 -18.75 -18.35
CA ILE A 98 0.90 -18.99 -19.24
C ILE A 98 2.23 -18.91 -18.50
N LEU A 99 2.27 -18.16 -17.39
CA LEU A 99 3.47 -18.02 -16.57
C LEU A 99 3.77 -19.23 -15.68
N GLU A 100 2.85 -20.19 -15.63
CA GLU A 100 3.02 -21.43 -14.85
C GLU A 100 4.32 -22.18 -15.14
N THR A 101 4.83 -22.04 -16.35
CA THR A 101 6.10 -22.70 -16.72
C THR A 101 7.22 -21.69 -16.95
N PHE A 102 7.14 -20.54 -16.30
CA PHE A 102 8.22 -19.55 -16.41
C PHE A 102 9.50 -20.18 -15.87
N HIS A 103 10.59 -20.05 -16.63
CA HIS A 103 11.87 -20.64 -16.25
C HIS A 103 13.02 -19.65 -16.39
N TYR A 104 13.86 -19.59 -15.36
CA TYR A 104 15.12 -18.85 -15.42
C TYR A 104 16.12 -19.31 -14.35
N ILE A 105 17.33 -19.59 -14.82
CA ILE A 105 18.47 -19.92 -13.96
C ILE A 105 19.48 -18.78 -14.09
N ASP A 106 19.89 -18.20 -12.96
CA ASP A 106 20.77 -17.03 -12.97
C ASP A 106 22.25 -17.35 -13.21
N SER A 107 23.10 -16.34 -13.10
CA SER A 107 24.55 -16.48 -13.33
C SER A 107 25.32 -17.04 -12.13
N GLN A 108 24.68 -17.93 -11.37
CA GLN A 108 25.32 -18.65 -10.27
C GLN A 108 24.69 -20.03 -10.05
N GLY A 109 23.75 -20.39 -10.93
CA GLY A 109 23.09 -21.69 -10.86
C GLY A 109 21.75 -21.70 -10.15
N ARG A 110 21.46 -20.63 -9.38
CA ARG A 110 20.21 -20.53 -8.62
C ARG A 110 18.96 -20.48 -9.51
N ASP A 111 17.92 -21.20 -9.09
CA ASP A 111 16.64 -21.21 -9.79
C ASP A 111 15.85 -19.98 -9.35
N GLN A 112 15.67 -19.02 -10.27
CA GLN A 112 14.88 -17.83 -9.95
C GLN A 112 13.45 -17.93 -10.49
N GLY A 113 13.29 -18.69 -11.58
CA GLY A 113 11.97 -18.92 -12.17
C GLY A 113 10.95 -19.52 -11.22
N ILE A 114 11.44 -20.29 -10.24
CA ILE A 114 10.58 -20.91 -9.23
C ILE A 114 9.81 -19.89 -8.39
N ASN A 115 10.37 -18.69 -8.26
CA ASN A 115 9.68 -17.60 -7.56
C ASN A 115 8.42 -17.17 -8.31
N VAL A 116 8.54 -17.01 -9.62
CA VAL A 116 7.41 -16.68 -10.50
C VAL A 116 6.37 -17.78 -10.44
N ARG A 117 6.82 -19.03 -10.59
CA ARG A 117 5.93 -20.19 -10.70
C ARG A 117 5.05 -20.41 -9.46
N THR A 118 5.66 -20.42 -8.27
CA THR A 118 4.89 -20.62 -7.04
C THR A 118 3.96 -19.42 -6.80
N ARG A 119 4.43 -18.23 -7.13
CA ARG A 119 3.62 -17.01 -7.06
C ARG A 119 2.38 -17.15 -7.95
N VAL A 120 2.61 -17.58 -9.19
CA VAL A 120 1.55 -17.80 -10.17
C VAL A 120 0.56 -18.83 -9.66
N LYS A 121 1.07 -19.93 -9.14
CA LYS A 121 0.24 -21.04 -8.66
C LYS A 121 -0.69 -20.59 -7.53
N ALA A 122 -0.16 -19.82 -6.58
CA ALA A 122 -0.98 -19.30 -5.48
C ALA A 122 -2.01 -18.27 -5.96
N LEU A 123 -1.63 -17.45 -6.95
CA LEU A 123 -2.54 -16.45 -7.50
C LEU A 123 -3.75 -17.09 -8.18
N ILE A 124 -3.50 -18.13 -8.98
CA ILE A 124 -4.57 -18.86 -9.68
C ILE A 124 -5.51 -19.57 -8.71
N GLU A 125 -4.94 -20.17 -7.67
CA GLU A 125 -5.73 -20.80 -6.61
C GLU A 125 -6.68 -19.79 -5.95
N LEU A 126 -6.13 -18.62 -5.60
CA LEU A 126 -6.90 -17.55 -4.97
C LEU A 126 -8.09 -17.14 -5.85
N LEU A 127 -7.81 -16.89 -7.13
CA LEU A 127 -8.81 -16.40 -8.06
C LEU A 127 -9.98 -17.35 -8.32
N SER A 128 -9.73 -18.65 -8.17
CA SER A 128 -10.76 -19.68 -8.44
C SER A 128 -11.69 -19.92 -7.25
N ASP A 129 -11.46 -19.20 -6.15
CA ASP A 129 -12.12 -19.49 -4.87
C ASP A 129 -12.75 -18.24 -4.24
N ASP A 130 -13.99 -17.95 -4.62
CA ASP A 130 -14.74 -16.77 -4.13
C ASP A 130 -14.71 -16.63 -2.62
N ASN A 131 -14.97 -17.75 -1.92
CA ASN A 131 -14.97 -17.77 -0.45
C ASN A 131 -13.61 -17.33 0.10
N LYS A 132 -12.53 -17.81 -0.51
CA LYS A 132 -11.17 -17.46 -0.09
C LYS A 132 -10.86 -15.96 -0.29
N ILE A 133 -11.23 -15.44 -1.47
CA ILE A 133 -11.09 -14.00 -1.75
C ILE A 133 -11.83 -13.18 -0.71
N ARG A 134 -13.10 -13.55 -0.50
CA ARG A 134 -13.96 -12.94 0.52
C ARG A 134 -13.25 -12.83 1.87
N ALA A 135 -12.70 -13.96 2.33
CA ALA A 135 -11.97 -14.00 3.61
C ALA A 135 -10.70 -13.15 3.59
N GLU A 136 -9.97 -13.16 2.48
CA GLU A 136 -8.74 -12.37 2.36
C GLU A 136 -8.99 -10.86 2.38
N ARG A 137 -10.08 -10.42 1.77
CA ARG A 137 -10.47 -9.00 1.78
C ARG A 137 -10.84 -8.53 3.20
N LYS A 138 -11.56 -9.38 3.93
CA LYS A 138 -11.81 -9.17 5.37
C LYS A 138 -10.51 -8.96 6.14
N LYS A 139 -9.58 -9.91 6.02
CA LYS A 139 -8.28 -9.83 6.66
C LYS A 139 -7.60 -8.49 6.34
N ALA A 140 -7.58 -8.13 5.05
CA ALA A 140 -6.93 -6.90 4.56
C ALA A 140 -7.43 -5.64 5.24
N ARG A 141 -8.74 -5.58 5.48
CA ARG A 141 -9.39 -4.43 6.13
C ARG A 141 -8.99 -4.28 7.60
N GLU A 142 -9.10 -5.38 8.35
CA GLU A 142 -8.70 -5.40 9.76
C GLU A 142 -7.28 -4.88 9.94
N THR A 143 -6.35 -5.50 9.21
CA THR A 143 -4.93 -5.16 9.25
C THR A 143 -4.62 -3.79 8.62
N ASN B 8 17.81 30.77 1.22
CA ASN B 8 16.66 30.25 0.39
C ASN B 8 16.71 28.75 0.17
N TYR B 9 15.81 28.03 0.85
CA TYR B 9 15.66 26.59 0.67
C TYR B 9 14.37 26.30 -0.10
N THR B 10 14.41 25.24 -0.92
CA THR B 10 13.22 24.79 -1.64
C THR B 10 12.17 24.29 -0.64
N GLU B 11 10.94 24.13 -1.11
CA GLU B 11 9.87 23.63 -0.25
C GLU B 11 10.22 22.27 0.35
N MET B 12 10.67 21.35 -0.51
CA MET B 12 11.01 20.00 -0.10
C MET B 12 12.17 19.99 0.90
N GLU B 13 13.17 20.83 0.64
CA GLU B 13 14.32 20.98 1.53
C GLU B 13 13.85 21.46 2.90
N GLY B 14 12.89 22.39 2.90
CA GLY B 14 12.27 22.87 4.13
C GLY B 14 11.63 21.76 4.94
N LYS B 15 10.94 20.84 4.25
CA LYS B 15 10.26 19.72 4.90
C LYS B 15 11.25 18.78 5.62
N VAL B 16 12.40 18.53 4.99
CA VAL B 16 13.45 17.71 5.58
C VAL B 16 14.03 18.40 6.82
N ARG B 17 14.30 19.71 6.70
CA ARG B 17 14.77 20.49 7.85
C ARG B 17 13.76 20.39 8.98
N GLU B 18 12.48 20.56 8.64
CA GLU B 18 11.42 20.47 9.62
C GLU B 18 11.39 19.11 10.35
N ALA B 19 11.52 18.03 9.57
CA ALA B 19 11.50 16.67 10.13
C ALA B 19 12.70 16.37 11.03
N THR B 20 13.72 17.23 10.96
CA THR B 20 14.88 17.09 11.82
C THR B 20 14.94 18.10 12.98
N ASN B 21 13.94 18.97 13.10
CA ASN B 21 13.88 19.96 14.19
C ASN B 21 13.82 19.35 15.60
N ASN B 22 14.34 20.07 16.59
CA ASN B 22 14.16 19.70 17.99
C ASN B 22 12.69 19.74 18.40
N GLU B 23 11.93 20.62 17.75
CA GLU B 23 10.55 20.88 18.12
C GLU B 23 9.63 20.97 16.89
N PRO B 24 8.56 20.16 16.85
CA PRO B 24 8.24 19.08 17.80
C PRO B 24 9.28 17.97 17.78
N TRP B 25 9.44 17.26 18.90
CA TRP B 25 10.45 16.21 18.99
C TRP B 25 10.08 14.96 18.18
N GLY B 26 8.82 14.54 18.25
CA GLY B 26 8.33 13.48 17.35
C GLY B 26 7.96 14.06 16.00
N ALA B 27 8.49 13.50 14.91
CA ALA B 27 8.09 13.95 13.58
C ALA B 27 6.74 13.34 13.23
N SER B 28 5.90 14.08 12.52
CA SER B 28 4.64 13.52 12.05
C SER B 28 4.90 12.51 10.94
N SER B 29 4.20 11.38 11.01
CA SER B 29 4.21 10.41 9.91
C SER B 29 3.58 11.05 8.67
N THR B 30 2.80 12.11 8.90
CA THR B 30 2.20 12.92 7.84
C THR B 30 3.25 13.72 7.07
N LEU B 31 4.13 14.41 7.81
CA LEU B 31 5.24 15.12 7.19
C LEU B 31 6.17 14.13 6.48
N MET B 32 6.43 13.01 7.14
CA MET B 32 7.35 12.03 6.58
C MET B 32 6.78 11.38 5.30
N ASP B 33 5.47 11.20 5.26
CA ASP B 33 4.79 10.72 4.06
C ASP B 33 4.93 11.68 2.88
N GLN B 34 4.82 12.99 3.15
CA GLN B 34 5.05 14.02 2.14
C GLN B 34 6.47 13.95 1.63
N ILE B 35 7.42 13.65 2.51
CA ILE B 35 8.81 13.52 2.10
C ILE B 35 9.02 12.24 1.31
N SER B 36 8.38 11.16 1.74
CA SER B 36 8.41 9.92 1.01
C SER B 36 7.90 10.07 -0.43
N GLN B 37 6.81 10.81 -0.62
CA GLN B 37 6.26 11.00 -1.97
C GLN B 37 7.26 11.74 -2.85
N GLY B 38 8.07 12.58 -2.22
CA GLY B 38 9.08 13.36 -2.91
C GLY B 38 10.18 12.52 -3.52
N THR B 39 10.39 11.30 -3.00
CA THR B 39 11.44 10.41 -3.51
C THR B 39 11.10 9.76 -4.86
N TYR B 40 9.90 10.03 -5.37
CA TYR B 40 9.47 9.41 -6.63
C TYR B 40 9.78 10.19 -7.89
N ASN B 41 10.33 11.39 -7.73
CA ASN B 41 10.74 12.20 -8.88
C ASN B 41 12.15 12.76 -8.69
N PHE B 42 12.91 12.85 -9.78
CA PHE B 42 14.33 13.26 -9.72
C PHE B 42 14.57 14.56 -8.95
N ARG B 43 13.80 15.60 -9.26
CA ARG B 43 13.99 16.92 -8.66
C ARG B 43 13.95 16.90 -7.14
N GLU B 44 12.84 16.41 -6.58
CA GLU B 44 12.69 16.34 -5.12
C GLU B 44 13.64 15.33 -4.48
N ARG B 45 13.81 14.16 -5.11
CA ARG B 45 14.64 13.09 -4.56
C ARG B 45 16.06 13.56 -4.29
N GLU B 46 16.66 14.24 -5.26
CA GLU B 46 18.01 14.79 -5.12
C GLU B 46 18.09 15.81 -3.98
N GLU B 47 17.05 16.62 -3.84
CA GLU B 47 16.98 17.62 -2.77
C GLU B 47 16.95 16.95 -1.41
N ILE B 48 16.08 15.96 -1.24
CA ILE B 48 15.97 15.19 0.00
C ILE B 48 17.29 14.51 0.34
N LEU B 49 17.83 13.75 -0.61
CA LEU B 49 19.15 13.12 -0.51
C LEU B 49 20.24 14.08 -0.04
N SER B 50 20.36 15.23 -0.70
CA SER B 50 21.45 16.17 -0.42
C SER B 50 21.28 16.91 0.92
N MET B 51 20.04 17.23 1.28
CA MET B 51 19.74 17.79 2.60
C MET B 51 20.13 16.82 3.71
N ILE B 52 19.73 15.56 3.57
CA ILE B 52 20.04 14.53 4.57
C ILE B 52 21.55 14.34 4.71
N PHE B 53 22.28 14.28 3.59
CA PHE B 53 23.75 14.11 3.67
C PHE B 53 24.54 15.34 4.10
N ARG B 54 24.03 16.54 3.83
CA ARG B 54 24.60 17.76 4.39
C ARG B 54 24.55 17.74 5.92
N ARG B 55 23.42 17.27 6.45
CA ARG B 55 23.24 17.04 7.88
C ARG B 55 24.35 16.14 8.44
N PHE B 56 24.63 15.02 7.78
CA PHE B 56 25.75 14.15 8.18
C PHE B 56 27.11 14.86 8.08
N THR B 57 27.28 15.76 7.15
CA THR B 57 28.54 16.43 7.04
C THR B 57 28.70 17.59 8.00
N GLU B 58 27.73 18.48 8.03
CA GLU B 58 27.88 19.79 8.63
C GLU B 58 27.68 19.87 10.11
N LYS B 59 26.80 19.03 10.63
CA LYS B 59 26.51 19.02 12.04
C LYS B 59 27.56 18.21 12.79
N ALA B 60 27.82 18.60 14.03
CA ALA B 60 28.71 17.88 14.89
C ALA B 60 28.45 18.20 16.34
N GLY B 61 28.99 17.41 17.23
CA GLY B 61 28.90 17.59 18.68
C GLY B 61 27.51 17.84 19.24
N SER B 62 27.33 19.03 19.79
CA SER B 62 26.09 19.45 20.42
C SER B 62 24.89 19.54 19.46
N GLU B 63 25.13 19.34 18.16
CA GLU B 63 24.06 19.30 17.17
C GLU B 63 23.67 17.86 16.82
N TRP B 64 23.97 16.92 17.72
CA TRP B 64 23.69 15.51 17.51
C TRP B 64 22.20 15.17 17.26
N ARG B 65 21.30 16.00 17.79
CA ARG B 65 19.87 15.78 17.61
C ARG B 65 19.46 15.81 16.14
N GLN B 66 20.06 16.70 15.36
CA GLN B 66 19.71 16.78 13.95
C GLN B 66 20.24 15.61 13.16
N ILE B 67 21.43 15.11 13.53
CA ILE B 67 21.98 13.92 12.91
C ILE B 67 21.11 12.70 13.25
N TYR B 68 20.71 12.61 14.50
CA TYR B 68 19.91 11.48 14.98
C TYR B 68 18.54 11.44 14.29
N LYS B 69 17.90 12.60 14.19
CA LYS B 69 16.62 12.67 13.51
C LYS B 69 16.75 12.52 12.00
N ALA B 70 17.89 12.96 11.44
CA ALA B 70 18.14 12.74 10.01
C ALA B 70 18.22 11.24 9.72
N LEU B 71 18.91 10.51 10.60
CA LEU B 71 19.01 9.06 10.45
C LEU B 71 17.64 8.38 10.53
N GLN B 72 16.75 8.91 11.38
CA GLN B 72 15.37 8.40 11.54
C GLN B 72 14.56 8.56 10.28
N LEU B 73 14.68 9.75 9.69
CA LEU B 73 14.03 10.04 8.43
C LEU B 73 14.54 9.04 7.38
N LEU B 74 15.85 8.85 7.34
CA LEU B 74 16.43 7.99 6.30
C LEU B 74 15.88 6.59 6.43
N ASP B 75 15.88 6.08 7.66
CA ASP B 75 15.27 4.80 7.94
C ASP B 75 13.83 4.69 7.44
N TYR B 76 13.03 5.71 7.74
CA TYR B 76 11.63 5.76 7.29
C TYR B 76 11.52 5.72 5.77
N LEU B 77 12.36 6.50 5.10
CA LEU B 77 12.36 6.57 3.64
C LEU B 77 12.79 5.26 2.97
N ILE B 78 13.70 4.51 3.59
CA ILE B 78 14.09 3.19 3.07
C ILE B 78 12.89 2.24 3.12
N LYS B 79 12.07 2.39 4.14
CA LYS B 79 10.94 1.50 4.35
C LYS B 79 9.70 1.87 3.55
N HIS B 80 9.53 3.16 3.25
CA HIS B 80 8.28 3.66 2.66
C HIS B 80 8.44 4.30 1.29
N GLY B 81 9.66 4.74 0.97
CA GLY B 81 9.90 5.52 -0.22
C GLY B 81 10.25 4.69 -1.44
N SER B 82 10.70 5.37 -2.48
CA SER B 82 10.94 4.75 -3.77
C SER B 82 12.17 3.84 -3.77
N GLU B 83 12.12 2.76 -4.54
CA GLU B 83 13.29 1.88 -4.68
C GLU B 83 14.50 2.61 -5.25
N ARG B 84 14.24 3.63 -6.08
CA ARG B 84 15.30 4.47 -6.62
C ARG B 84 16.04 5.22 -5.51
N PHE B 85 15.29 5.69 -4.51
CA PHE B 85 15.89 6.35 -3.35
C PHE B 85 16.78 5.40 -2.57
N ILE B 86 16.36 4.13 -2.44
CA ILE B 86 17.16 3.13 -1.75
C ILE B 86 18.49 2.94 -2.50
N ASP B 87 18.40 2.84 -3.82
CA ASP B 87 19.58 2.68 -4.63
C ASP B 87 20.55 3.85 -4.47
N ASP B 88 20.02 5.07 -4.50
CA ASP B 88 20.81 6.27 -4.25
C ASP B 88 21.47 6.29 -2.88
N THR B 89 20.71 5.92 -1.84
CA THR B 89 21.24 5.89 -0.47
C THR B 89 22.41 4.89 -0.35
N ARG B 90 22.21 3.69 -0.86
CA ARG B 90 23.23 2.65 -0.80
C ARG B 90 24.50 3.07 -1.54
N ASN B 91 24.35 3.74 -2.69
CA ASN B 91 25.50 4.29 -3.42
C ASN B 91 26.36 5.22 -2.58
N SER B 92 25.77 5.86 -1.57
CA SER B 92 26.52 6.75 -0.69
C SER B 92 26.67 6.18 0.73
N ILE B 93 26.65 4.86 0.84
CA ILE B 93 26.75 4.19 2.14
C ILE B 93 28.06 4.56 2.89
N ASN B 94 29.12 4.86 2.15
CA ASN B 94 30.38 5.34 2.75
C ASN B 94 30.20 6.59 3.62
N LEU B 95 29.29 7.47 3.21
CA LEU B 95 29.05 8.72 3.92
C LEU B 95 28.30 8.49 5.23
N ILE B 96 27.49 7.44 5.26
CA ILE B 96 26.77 7.07 6.46
C ILE B 96 27.69 6.35 7.45
N ARG B 97 28.56 5.48 6.92
CA ARG B 97 29.52 4.74 7.75
C ARG B 97 30.46 5.65 8.54
N ILE B 98 30.79 6.81 7.97
CA ILE B 98 31.61 7.79 8.67
C ILE B 98 31.04 8.10 10.08
N LEU B 99 29.72 8.07 10.19
CA LEU B 99 29.04 8.39 11.45
C LEU B 99 29.18 7.32 12.53
N GLU B 100 29.73 6.16 12.18
CA GLU B 100 29.99 5.08 13.14
C GLU B 100 30.86 5.53 14.28
N THR B 101 31.63 6.58 14.04
CA THR B 101 32.63 7.06 15.00
C THR B 101 32.18 8.37 15.65
N PHE B 102 30.99 8.85 15.29
CA PHE B 102 30.45 10.08 15.88
C PHE B 102 30.56 10.03 17.40
N HIS B 103 31.24 11.02 17.96
CA HIS B 103 31.51 11.07 19.39
C HIS B 103 30.97 12.39 19.94
N TYR B 104 30.31 12.31 21.09
CA TYR B 104 29.81 13.50 21.77
C TYR B 104 29.38 13.24 23.21
N ILE B 105 30.05 13.91 24.14
CA ILE B 105 29.71 13.87 25.55
C ILE B 105 29.19 15.25 25.93
N ASP B 106 28.01 15.31 26.53
CA ASP B 106 27.36 16.59 26.81
C ASP B 106 27.85 17.27 28.11
N SER B 107 27.31 18.46 28.36
CA SER B 107 27.60 19.27 29.56
C SER B 107 27.59 18.54 30.89
N GLN B 108 26.81 17.46 30.99
CA GLN B 108 26.71 16.70 32.23
C GLN B 108 27.45 15.37 32.20
N GLY B 109 28.41 15.24 31.28
CA GLY B 109 29.19 14.02 31.15
C GLY B 109 28.45 12.85 30.51
N ARG B 110 27.25 13.10 29.99
CA ARG B 110 26.44 12.05 29.40
C ARG B 110 26.77 11.86 27.91
N ASP B 111 26.96 10.60 27.52
CA ASP B 111 27.29 10.25 26.14
C ASP B 111 26.05 10.29 25.25
N GLN B 112 25.91 11.35 24.46
CA GLN B 112 24.80 11.42 23.49
C GLN B 112 25.24 10.93 22.12
N GLY B 113 26.56 10.91 21.89
CA GLY B 113 27.12 10.42 20.64
C GLY B 113 26.68 8.99 20.38
N ILE B 114 26.49 8.22 21.45
CA ILE B 114 26.09 6.82 21.32
C ILE B 114 24.73 6.68 20.63
N ASN B 115 23.84 7.65 20.81
CA ASN B 115 22.53 7.61 20.17
C ASN B 115 22.66 7.61 18.67
N VAL B 116 23.66 8.35 18.18
CA VAL B 116 23.97 8.36 16.75
C VAL B 116 24.61 7.04 16.32
N ARG B 117 25.63 6.60 17.07
CA ARG B 117 26.38 5.41 16.69
C ARG B 117 25.47 4.19 16.62
N THR B 118 24.60 4.03 17.61
CA THR B 118 23.72 2.86 17.67
C THR B 118 22.73 2.91 16.53
N ARG B 119 22.19 4.09 16.27
CA ARG B 119 21.20 4.27 15.21
C ARG B 119 21.83 4.00 13.85
N VAL B 120 23.06 4.47 13.68
CA VAL B 120 23.72 4.34 12.39
C VAL B 120 24.13 2.90 12.12
N LYS B 121 24.48 2.16 13.18
CA LYS B 121 24.84 0.75 13.05
C LYS B 121 23.65 -0.08 12.55
N ALA B 122 22.46 0.21 13.07
CA ALA B 122 21.25 -0.50 12.63
C ALA B 122 20.89 -0.18 11.17
N LEU B 123 20.98 1.09 10.80
CA LEU B 123 20.67 1.50 9.44
C LEU B 123 21.57 0.83 8.42
N ILE B 124 22.88 0.77 8.73
CA ILE B 124 23.86 0.16 7.83
C ILE B 124 23.61 -1.34 7.70
N GLU B 125 23.29 -1.98 8.81
CA GLU B 125 22.89 -3.38 8.83
C GLU B 125 21.72 -3.61 7.87
N LEU B 126 20.71 -2.75 7.98
CA LEU B 126 19.53 -2.79 7.09
C LEU B 126 19.90 -2.52 5.63
N LEU B 127 20.56 -1.38 5.42
CA LEU B 127 20.84 -0.86 4.07
C LEU B 127 21.71 -1.81 3.25
N SER B 128 22.62 -2.51 3.93
CA SER B 128 23.58 -3.38 3.25
C SER B 128 23.08 -4.83 3.07
N ASP B 129 21.78 -5.05 3.24
CA ASP B 129 21.21 -6.40 3.12
C ASP B 129 19.85 -6.39 2.42
N ASP B 130 19.85 -6.84 1.16
CA ASP B 130 18.62 -6.91 0.35
C ASP B 130 17.43 -7.63 0.99
N ASN B 131 17.69 -8.76 1.64
CA ASN B 131 16.64 -9.55 2.29
C ASN B 131 15.95 -8.76 3.41
N LYS B 132 16.74 -8.07 4.22
CA LYS B 132 16.19 -7.27 5.31
C LYS B 132 15.36 -6.09 4.79
N ILE B 133 15.85 -5.42 3.75
CA ILE B 133 15.10 -4.34 3.10
C ILE B 133 13.74 -4.81 2.58
N ARG B 134 13.75 -5.93 1.85
CA ARG B 134 12.52 -6.53 1.34
C ARG B 134 11.53 -6.83 2.47
N ALA B 135 12.04 -7.41 3.55
CA ALA B 135 11.24 -7.78 4.71
C ALA B 135 10.69 -6.57 5.46
N GLU B 136 11.49 -5.51 5.56
CA GLU B 136 10.99 -4.29 6.20
C GLU B 136 9.94 -3.58 5.34
N ARG B 137 10.09 -3.65 4.02
CA ARG B 137 9.15 -2.99 3.13
C ARG B 137 7.80 -3.69 3.15
N LYS B 138 7.82 -5.02 3.19
CA LYS B 138 6.62 -5.82 3.29
C LYS B 138 5.91 -5.61 4.63
N LYS B 139 6.70 -5.62 5.69
CA LYS B 139 6.21 -5.47 7.07
C LYS B 139 5.57 -4.11 7.29
N ALA B 140 6.04 -3.10 6.57
CA ALA B 140 5.43 -1.77 6.63
C ALA B 140 4.02 -1.83 6.06
N ARG B 141 3.82 -2.69 5.05
CA ARG B 141 2.52 -2.94 4.43
C ARG B 141 1.60 -3.79 5.30
N GLU B 142 2.19 -4.79 5.96
CA GLU B 142 1.47 -5.59 6.96
C GLU B 142 1.26 -4.76 8.23
N THR B 143 1.95 -3.62 8.30
CA THR B 143 1.76 -2.59 9.32
C THR B 143 1.62 -3.14 10.74
N SER C 1 -30.21 -4.89 23.92
CA SER C 1 -29.98 -6.23 23.33
C SER C 1 -28.93 -6.18 22.24
N LEU C 2 -28.42 -7.36 21.87
CA LEU C 2 -27.45 -7.49 20.81
C LEU C 2 -28.10 -7.17 19.45
N LEU C 3 -29.27 -7.77 19.23
CA LEU C 3 -30.05 -7.55 18.02
C LEU C 3 -30.21 -6.06 17.74
N ILE C 4 -30.77 -5.34 18.73
CA ILE C 4 -30.95 -3.89 18.62
C ILE C 4 -29.65 -3.20 18.25
N SER C 5 -28.55 -3.60 18.90
CA SER C 5 -27.25 -3.00 18.61
C SER C 5 -26.83 -3.30 17.16
N TYR C 6 -27.05 -4.53 16.69
CA TYR C 6 -26.81 -4.86 15.28
C TYR C 6 -27.63 -4.00 14.31
N GLU C 7 -28.94 -3.91 14.57
CA GLU C 7 -29.84 -3.10 13.74
C GLU C 7 -29.43 -1.63 13.72
N SER C 8 -29.07 -1.08 14.87
CA SER C 8 -28.58 0.30 14.95
C SER C 8 -27.33 0.49 14.10
N ASP C 9 -26.38 -0.44 14.21
CA ASP C 9 -25.17 -0.42 13.38
C ASP C 9 -25.55 -0.47 11.89
N PHE C 10 -26.48 -1.34 11.55
CA PHE C 10 -26.91 -1.51 10.17
C PHE C 10 -27.50 -0.22 9.59
N LYS C 11 -28.46 0.38 10.29
CA LYS C 11 -29.11 1.58 9.81
C LYS C 11 -28.12 2.74 9.68
N THR C 12 -27.27 2.90 10.69
CA THR C 12 -26.22 3.92 10.69
C THR C 12 -25.32 3.75 9.46
N THR C 13 -24.88 2.50 9.24
CA THR C 13 -24.01 2.19 8.11
C THR C 13 -24.71 2.41 6.78
N LEU C 14 -25.99 2.05 6.71
CA LEU C 14 -26.75 2.21 5.48
C LEU C 14 -26.89 3.69 5.11
N GLU C 15 -27.19 4.51 6.10
CA GLU C 15 -27.31 5.95 5.89
C GLU C 15 -25.99 6.54 5.41
N GLN C 16 -24.88 6.12 6.03
CA GLN C 16 -23.56 6.67 5.67
C GLN C 16 -23.19 6.33 4.24
N ALA C 17 -23.47 5.11 3.84
CA ALA C 17 -23.10 4.66 2.50
C ALA C 17 -23.92 5.42 1.46
N LYS C 18 -25.21 5.60 1.74
CA LYS C 18 -26.07 6.36 0.84
C LYS C 18 -25.60 7.80 0.72
N ALA C 19 -25.23 8.41 1.84
CA ALA C 19 -24.73 9.77 1.81
C ALA C 19 -23.45 9.84 0.99
N SER C 20 -22.53 8.89 1.20
CA SER C 20 -21.28 8.88 0.44
C SER C 20 -21.52 8.70 -1.06
N LEU C 21 -22.52 7.89 -1.39
CA LEU C 21 -22.88 7.63 -2.78
C LEU C 21 -23.41 8.87 -3.47
N ALA C 22 -24.28 9.61 -2.78
CA ALA C 22 -24.84 10.85 -3.32
C ALA C 22 -23.76 11.91 -3.50
N GLU C 23 -22.79 11.93 -2.57
CA GLU C 23 -21.72 12.92 -2.60
C GLU C 23 -20.62 12.59 -3.60
N ALA C 24 -20.40 11.29 -3.86
CA ALA C 24 -19.26 10.85 -4.67
C ALA C 24 -19.09 11.53 -6.03
N PRO C 25 -20.18 11.61 -6.84
CA PRO C 25 -19.99 12.14 -8.20
C PRO C 25 -19.44 13.57 -8.26
N SER C 26 -19.65 14.36 -7.21
CA SER C 26 -19.22 15.76 -7.18
C SER C 26 -17.85 15.99 -6.54
N GLN C 27 -17.18 14.88 -6.17
CA GLN C 27 -15.83 14.95 -5.61
C GLN C 27 -14.78 14.78 -6.71
N PRO C 28 -13.60 15.40 -6.55
CA PRO C 28 -12.54 15.12 -7.52
C PRO C 28 -12.15 13.64 -7.48
N LEU C 29 -11.71 13.12 -8.63
CA LEU C 29 -11.35 11.72 -8.81
C LEU C 29 -10.53 11.11 -7.67
N SER C 30 -9.49 11.81 -7.25
CA SER C 30 -8.61 11.34 -6.17
C SER C 30 -9.38 11.03 -4.90
N GLN C 31 -10.28 11.94 -4.54
CA GLN C 31 -11.12 11.78 -3.37
C GLN C 31 -12.23 10.77 -3.66
N ARG C 32 -12.76 10.79 -4.88
CA ARG C 32 -13.85 9.91 -5.26
C ARG C 32 -13.51 8.43 -5.15
N ASN C 33 -12.27 8.07 -5.54
CA ASN C 33 -11.76 6.70 -5.38
C ASN C 33 -11.82 6.22 -3.93
N THR C 34 -11.35 7.05 -3.01
CA THR C 34 -11.33 6.73 -1.60
C THR C 34 -12.75 6.53 -1.11
N THR C 35 -13.64 7.42 -1.54
CA THR C 35 -15.05 7.37 -1.13
C THR C 35 -15.72 6.08 -1.60
N LEU C 36 -15.60 5.75 -2.89
CA LEU C 36 -16.16 4.50 -3.42
C LEU C 36 -15.55 3.26 -2.76
N LYS C 37 -14.24 3.27 -2.52
CA LYS C 37 -13.62 2.16 -1.82
C LYS C 37 -14.21 1.96 -0.43
N HIS C 38 -14.44 3.05 0.31
CA HIS C 38 -15.09 2.95 1.59
C HIS C 38 -16.54 2.45 1.50
N VAL C 39 -17.28 2.92 0.49
CA VAL C 39 -18.66 2.45 0.27
C VAL C 39 -18.67 0.94 -0.01
N GLU C 40 -17.67 0.47 -0.76
CA GLU C 40 -17.60 -0.96 -1.07
C GLU C 40 -17.39 -1.79 0.19
N GLN C 41 -16.57 -1.27 1.10
CA GLN C 41 -16.36 -1.89 2.39
C GLN C 41 -17.67 -1.87 3.20
N GLN C 42 -18.37 -0.75 3.17
CA GLN C 42 -19.64 -0.65 3.90
C GLN C 42 -20.70 -1.60 3.36
N GLN C 43 -20.73 -1.75 2.04
CA GLN C 43 -21.60 -2.74 1.38
C GLN C 43 -21.37 -4.14 1.95
N ASP C 44 -20.11 -4.55 2.01
CA ASP C 44 -19.74 -5.83 2.63
C ASP C 44 -20.15 -5.86 4.10
N GLU C 45 -19.97 -4.75 4.82
CA GLU C 45 -20.35 -4.72 6.24
C GLU C 45 -21.85 -4.93 6.40
N LEU C 46 -22.64 -4.35 5.50
CA LEU C 46 -24.09 -4.43 5.58
C LEU C 46 -24.58 -5.87 5.36
N PHE C 47 -24.01 -6.56 4.37
CA PHE C 47 -24.38 -7.96 4.14
C PHE C 47 -24.01 -8.84 5.33
N ASP C 48 -22.82 -8.64 5.88
CA ASP C 48 -22.38 -9.37 7.05
C ASP C 48 -23.31 -9.15 8.23
N LEU C 49 -23.76 -7.91 8.43
CA LEU C 49 -24.70 -7.58 9.50
C LEU C 49 -26.05 -8.28 9.35
N LEU C 50 -26.53 -8.45 8.11
CA LEU C 50 -27.73 -9.24 7.87
C LEU C 50 -27.54 -10.70 8.30
N ASP C 51 -26.42 -11.31 7.91
CA ASP C 51 -26.09 -12.66 8.38
C ASP C 51 -26.12 -12.72 9.90
N GLN C 52 -25.36 -11.82 10.55
CA GLN C 52 -25.30 -11.72 12.01
C GLN C 52 -26.68 -11.55 12.65
N MET C 53 -27.47 -10.62 12.11
CA MET C 53 -28.81 -10.39 12.65
C MET C 53 -29.68 -11.62 12.51
N ASP C 54 -29.60 -12.29 11.37
CA ASP C 54 -30.39 -13.51 11.15
C ASP C 54 -30.05 -14.58 12.19
N VAL C 55 -28.77 -14.78 12.45
CA VAL C 55 -28.33 -15.72 13.49
C VAL C 55 -28.92 -15.33 14.86
N GLU C 56 -28.86 -14.03 15.19
CA GLU C 56 -29.31 -13.53 16.48
C GLU C 56 -30.83 -13.60 16.65
N VAL C 57 -31.55 -13.29 15.58
CA VAL C 57 -33.00 -13.36 15.53
C VAL C 57 -33.45 -14.79 15.83
N ASN C 58 -32.75 -15.75 15.23
CA ASN C 58 -33.03 -17.17 15.41
C ASN C 58 -32.84 -17.64 16.85
N ASN C 59 -31.74 -17.22 17.48
CA ASN C 59 -31.41 -17.63 18.85
C ASN C 59 -32.23 -16.95 19.96
N SER C 60 -32.52 -15.67 19.78
CA SER C 60 -33.03 -14.84 20.88
C SER C 60 -34.54 -14.63 20.89
N ILE C 61 -35.18 -14.76 19.73
CA ILE C 61 -36.63 -14.52 19.62
C ILE C 61 -37.40 -15.84 19.44
N GLY C 62 -38.21 -16.16 20.44
CA GLY C 62 -39.01 -17.39 20.46
C GLY C 62 -40.37 -17.26 19.79
N ASP C 63 -40.94 -16.06 19.85
CA ASP C 63 -42.24 -15.75 19.23
C ASP C 63 -42.21 -16.00 17.71
N ALA C 64 -43.03 -16.94 17.26
CA ALA C 64 -43.05 -17.37 15.85
C ALA C 64 -43.66 -16.32 14.92
N SER C 65 -44.63 -15.56 15.43
CA SER C 65 -45.23 -14.46 14.70
C SER C 65 -44.26 -13.27 14.59
N GLU C 66 -43.47 -13.07 15.65
CA GLU C 66 -42.49 -11.99 15.71
C GLU C 66 -41.26 -12.30 14.84
N ARG C 67 -40.80 -13.55 14.90
CA ARG C 67 -39.67 -14.00 14.10
C ARG C 67 -39.94 -13.84 12.61
N ALA C 68 -41.19 -14.10 12.21
CA ALA C 68 -41.64 -13.86 10.84
C ALA C 68 -41.50 -12.39 10.46
N THR C 69 -41.91 -11.50 11.37
CA THR C 69 -41.84 -10.05 11.15
C THR C 69 -40.41 -9.60 10.90
N TYR C 70 -39.47 -10.09 11.71
CA TYR C 70 -38.04 -9.80 11.55
C TYR C 70 -37.50 -10.29 10.21
N LYS C 71 -37.90 -11.50 9.84
CA LYS C 71 -37.46 -12.13 8.59
C LYS C 71 -37.80 -11.27 7.37
N ALA C 72 -39.04 -10.80 7.32
CA ALA C 72 -39.49 -9.94 6.22
C ALA C 72 -38.66 -8.66 6.15
N LYS C 73 -38.34 -8.10 7.31
CA LYS C 73 -37.53 -6.89 7.41
C LYS C 73 -36.11 -7.12 6.86
N LEU C 74 -35.51 -8.23 7.26
CA LEU C 74 -34.18 -8.63 6.75
C LEU C 74 -34.21 -8.79 5.24
N ARG C 75 -35.26 -9.41 4.74
CA ARG C 75 -35.43 -9.64 3.31
C ARG C 75 -35.58 -8.32 2.57
N GLU C 76 -36.33 -7.38 3.14
CA GLU C 76 -36.45 -6.06 2.57
C GLU C 76 -35.12 -5.30 2.65
N TRP C 77 -34.39 -5.46 3.75
CA TRP C 77 -33.09 -4.81 3.87
C TRP C 77 -32.09 -5.33 2.84
N LYS C 78 -32.10 -6.65 2.61
CA LYS C 78 -31.25 -7.24 1.58
C LYS C 78 -31.49 -6.58 0.24
N LYS C 79 -32.77 -6.39 -0.10
CA LYS C 79 -33.16 -5.79 -1.37
C LYS C 79 -32.75 -4.33 -1.45
N THR C 80 -32.88 -3.63 -0.32
CA THR C 80 -32.42 -2.24 -0.22
C THR C 80 -30.90 -2.13 -0.43
N ILE C 81 -30.13 -3.06 0.12
CA ILE C 81 -28.69 -3.02 -0.10
C ILE C 81 -28.37 -3.14 -1.59
N GLN C 82 -29.00 -4.14 -2.24
CA GLN C 82 -28.81 -4.40 -3.67
C GLN C 82 -29.15 -3.18 -4.52
N SER C 83 -30.30 -2.57 -4.24
CA SER C 83 -30.78 -1.49 -5.08
C SER C 83 -30.20 -0.12 -4.74
N ASP C 84 -29.99 0.15 -3.45
CA ASP C 84 -29.53 1.48 -3.03
C ASP C 84 -28.03 1.62 -2.77
N ILE C 85 -27.33 0.48 -2.66
CA ILE C 85 -25.88 0.51 -2.42
C ILE C 85 -25.11 -0.17 -3.54
N LYS C 86 -25.28 -1.48 -3.67
CA LYS C 86 -24.46 -2.29 -4.57
C LYS C 86 -24.56 -1.82 -6.01
N ARG C 87 -25.79 -1.63 -6.50
CA ARG C 87 -26.03 -1.28 -7.90
C ARG C 87 -25.50 0.12 -8.26
N PRO C 88 -25.84 1.16 -7.47
CA PRO C 88 -25.25 2.47 -7.74
C PRO C 88 -23.72 2.53 -7.58
N LEU C 89 -23.18 1.78 -6.62
CA LEU C 89 -21.73 1.70 -6.46
C LEU C 89 -21.06 1.08 -7.68
N GLN C 90 -21.58 -0.07 -8.12
CA GLN C 90 -21.07 -0.75 -9.29
C GLN C 90 -21.09 0.18 -10.49
N SER C 91 -22.22 0.88 -10.66
CA SER C 91 -22.36 1.83 -11.77
C SER C 91 -21.32 2.95 -11.72
N LEU C 92 -21.06 3.49 -10.53
CA LEU C 92 -20.02 4.52 -10.37
C LEU C 92 -18.61 4.00 -10.65
N VAL C 93 -18.31 2.80 -10.17
CA VAL C 93 -17.01 2.19 -10.40
C VAL C 93 -16.86 1.84 -11.89
N ASP C 94 -17.96 1.57 -12.56
CA ASP C 94 -17.93 1.25 -13.98
C ASP C 94 -17.85 2.47 -14.90
N SER C 95 -18.40 3.61 -14.49
CA SER C 95 -18.21 4.89 -15.17
C SER C 95 -18.58 6.09 -14.29
#